data_5YAX
#
_entry.id   5YAX
#
_cell.length_a   142.670
_cell.length_b   55.662
_cell.length_c   67.696
_cell.angle_alpha   90.00
_cell.angle_beta   90.00
_cell.angle_gamma   90.00
#
_symmetry.space_group_name_H-M   'P 21 21 2'
#
loop_
_entity.id
_entity.type
_entity.pdbx_description
1 polymer 'scFv1 antibody'
2 polymer 'Large envelope protein'
3 non-polymer 'SODIUM ION'
4 water water
#
loop_
_entity_poly.entity_id
_entity_poly.type
_entity_poly.pdbx_seq_one_letter_code
_entity_poly.pdbx_strand_id
1 'polypeptide(L)'
;SQVQLQQSGPGLVKPSQTLSLTCGISGDSVSSKSAAWNWIRQSPSRGLEWLGRTYYRSKWHNDYAVSVKSRITINPDTSK
NQFSLQLNSVTPEDTAVYYCARGQMGALDVWGQGTTVTVSSGGGGSGGGGSGGGGSQSVLTQPPSASGTPGQRVTISCSG
SSSNIGSYYVYWYQQFPGTAPKLLIYGNNQRPSGVPDRFSGSKSGTSASLAITGLQAEDEADYYCQSYDSSLSGVIFGGG
TKLTVL
;
A,B
2 'polypeptide(L)' GPGGWSSKPRQGMGTNLSVPNPLGFFPDHQLDPAFGANSNNPDWDFNPNKDHWPEANQVG C
#
loop_
_chem_comp.id
_chem_comp.type
_chem_comp.name
_chem_comp.formula
NA non-polymer 'SODIUM ION' 'Na 1'
#
# COMPACT_ATOMS: atom_id res chain seq x y z
N GLN A 2 -7.45 24.35 -15.28
CA GLN A 2 -8.23 25.54 -15.00
C GLN A 2 -9.29 25.26 -13.93
N VAL A 3 -9.71 24.00 -13.86
CA VAL A 3 -10.67 23.57 -12.85
C VAL A 3 -9.95 23.20 -11.55
N GLN A 4 -10.44 23.73 -10.43
CA GLN A 4 -9.83 23.47 -9.14
C GLN A 4 -10.83 22.89 -8.15
N LEU A 5 -10.43 21.80 -7.51
CA LEU A 5 -11.26 21.16 -6.49
C LEU A 5 -10.70 21.42 -5.09
N GLN A 6 -11.49 22.04 -4.24
CA GLN A 6 -11.06 22.35 -2.89
C GLN A 6 -11.71 21.41 -1.88
N GLN A 7 -10.87 20.63 -1.19
CA GLN A 7 -11.36 19.68 -0.18
C GLN A 7 -11.32 20.29 1.21
N SER A 8 -12.27 19.89 2.04
CA SER A 8 -12.34 20.34 3.42
C SER A 8 -13.15 19.38 4.28
N GLY A 9 -12.87 19.36 5.57
CA GLY A 9 -13.58 18.48 6.49
C GLY A 9 -12.69 18.01 7.63
N PRO A 10 -13.32 17.47 8.69
CA PRO A 10 -12.62 16.97 9.88
C PRO A 10 -11.60 15.89 9.56
N GLY A 11 -10.50 15.87 10.33
CA GLY A 11 -9.47 14.87 10.14
C GLY A 11 -9.65 13.67 11.03
N LEU A 12 -10.27 13.88 12.18
CA LEU A 12 -10.54 12.79 13.12
C LEU A 12 -12.03 12.65 13.38
N VAL A 13 -12.56 11.45 13.16
CA VAL A 13 -13.97 11.18 13.37
C VAL A 13 -14.18 10.02 14.35
N LYS A 14 -15.04 10.24 15.34
CA LYS A 14 -15.39 9.19 16.29
C LYS A 14 -16.25 8.13 15.59
N PRO A 15 -16.06 6.85 15.98
CA PRO A 15 -16.84 5.74 15.42
C PRO A 15 -18.33 5.93 15.61
N SER A 16 -19.13 5.22 14.81
CA SER A 16 -20.59 5.29 14.86
C SER A 16 -21.12 6.69 14.57
N GLN A 17 -20.29 7.52 13.95
CA GLN A 17 -20.67 8.88 13.59
C GLN A 17 -20.57 9.09 12.08
N THR A 18 -20.84 10.31 11.64
CA THR A 18 -20.86 10.62 10.21
C THR A 18 -19.63 11.42 9.78
N LEU A 19 -19.00 10.97 8.70
CA LEU A 19 -17.89 11.72 8.10
C LEU A 19 -18.42 12.67 7.04
N SER A 20 -18.21 13.96 7.25
CA SER A 20 -18.63 14.98 6.30
C SER A 20 -17.44 15.64 5.61
N LEU A 21 -17.32 15.42 4.31
CA LEU A 21 -16.23 16.02 3.53
C LEU A 21 -16.81 16.77 2.33
N THR A 22 -16.38 18.02 2.15
CA THR A 22 -16.89 18.84 1.07
C THR A 22 -15.85 19.04 -0.04
N CYS A 23 -16.32 19.18 -1.27
CA CYS A 23 -15.42 19.43 -2.38
C CYS A 23 -15.87 20.65 -3.16
N GLY A 24 -15.22 21.78 -2.88
CA GLY A 24 -15.55 23.03 -3.52
C GLY A 24 -15.08 23.08 -4.96
N ILE A 25 -15.99 23.47 -5.85
CA ILE A 25 -15.68 23.51 -7.28
C ILE A 25 -15.57 24.94 -7.80
N SER A 26 -14.50 25.21 -8.55
CA SER A 26 -14.34 26.50 -9.21
C SER A 26 -13.71 26.29 -10.58
N GLY A 27 -14.16 27.06 -11.56
CA GLY A 27 -13.70 26.92 -12.92
C GLY A 27 -14.57 25.93 -13.70
N ASP A 28 -15.53 25.36 -13.00
CA ASP A 28 -16.46 24.41 -13.60
C ASP A 28 -17.78 24.43 -12.84
N SER A 29 -18.81 23.83 -13.42
CA SER A 29 -20.13 23.77 -12.78
C SER A 29 -20.45 22.37 -12.29
N VAL A 30 -21.09 22.29 -11.13
CA VAL A 30 -21.49 21.01 -10.56
C VAL A 30 -22.60 20.37 -11.41
N SER A 31 -23.26 21.20 -12.21
CA SER A 31 -24.35 20.73 -13.07
C SER A 31 -23.87 20.45 -14.49
N SER A 32 -22.55 20.31 -14.66
CA SER A 32 -21.97 20.08 -15.97
C SER A 32 -22.44 18.75 -16.57
N LYS A 33 -22.90 18.81 -17.82
CA LYS A 33 -23.46 17.65 -18.49
C LYS A 33 -22.39 16.67 -18.98
N SER A 34 -21.13 17.09 -18.93
CA SER A 34 -20.04 16.25 -19.41
C SER A 34 -19.13 15.79 -18.28
N ALA A 35 -19.44 16.22 -17.06
CA ALA A 35 -18.60 15.93 -15.90
C ALA A 35 -19.30 15.06 -14.87
N ALA A 36 -18.50 14.28 -14.15
CA ALA A 36 -18.99 13.50 -13.02
C ALA A 36 -18.15 13.84 -11.80
N TRP A 37 -18.76 13.78 -10.61
CA TRP A 37 -18.06 14.18 -9.40
C TRP A 37 -17.90 13.01 -8.44
N ASN A 38 -16.66 12.54 -8.31
CA ASN A 38 -16.36 11.30 -7.63
C ASN A 38 -15.72 11.47 -6.26
N TRP A 39 -15.76 10.41 -5.47
CA TRP A 39 -15.03 10.33 -4.21
C TRP A 39 -14.24 9.04 -4.14
N ILE A 40 -12.93 9.15 -3.94
CA ILE A 40 -12.06 7.99 -3.86
C ILE A 40 -11.24 8.04 -2.57
N ARG A 41 -11.14 6.91 -1.87
CA ARG A 41 -10.31 6.86 -0.68
C ARG A 41 -9.15 5.87 -0.87
N GLN A 42 -8.05 6.13 -0.18
CA GLN A 42 -6.87 5.28 -0.29
C GLN A 42 -6.45 4.76 1.08
N SER A 43 -6.92 3.57 1.43
CA SER A 43 -6.58 2.94 2.70
C SER A 43 -5.09 2.60 2.75
N PRO A 44 -4.47 2.81 3.92
CA PRO A 44 -3.05 2.53 4.11
C PRO A 44 -2.69 1.05 4.00
N SER A 45 -3.70 0.19 3.93
CA SER A 45 -3.46 -1.25 3.85
C SER A 45 -4.34 -1.94 2.81
N ARG A 46 -5.15 -1.16 2.10
CA ARG A 46 -6.04 -1.74 1.09
C ARG A 46 -5.88 -1.06 -0.28
N GLY A 47 -5.49 0.21 -0.27
CA GLY A 47 -5.21 0.91 -1.51
C GLY A 47 -6.37 1.73 -2.04
N LEU A 48 -6.34 2.03 -3.34
CA LEU A 48 -7.36 2.84 -3.99
C LEU A 48 -8.73 2.17 -3.93
N GLU A 49 -9.75 2.97 -3.61
CA GLU A 49 -11.09 2.45 -3.44
C GLU A 49 -12.15 3.47 -3.86
N TRP A 50 -12.78 3.23 -5.00
CA TRP A 50 -13.82 4.11 -5.52
C TRP A 50 -15.07 4.03 -4.66
N LEU A 51 -15.50 5.17 -4.13
CA LEU A 51 -16.64 5.21 -3.23
C LEU A 51 -17.95 5.47 -3.96
N GLY A 52 -17.93 6.46 -4.85
CA GLY A 52 -19.13 6.79 -5.61
C GLY A 52 -19.01 8.05 -6.46
N ARG A 53 -20.09 8.38 -7.15
CA ARG A 53 -20.11 9.57 -8.00
C ARG A 53 -21.52 10.16 -8.08
N THR A 54 -21.59 11.44 -8.43
CA THR A 54 -22.87 12.08 -8.71
C THR A 54 -22.73 12.98 -9.94
N TYR A 55 -23.76 13.02 -10.76
CA TYR A 55 -23.72 13.81 -11.99
C TYR A 55 -25.12 14.16 -12.49
N TYR A 56 -25.19 15.11 -13.41
CA TYR A 56 -26.47 15.64 -13.87
C TYR A 56 -26.63 15.55 -15.38
N ARG A 57 -27.65 14.82 -15.82
CA ARG A 57 -27.99 14.69 -17.23
C ARG A 57 -29.49 14.91 -17.42
N SER A 58 -29.93 16.16 -17.28
CA SER A 58 -31.35 16.52 -17.23
C SER A 58 -32.05 15.82 -16.07
N LYS A 59 -31.24 15.29 -15.17
CA LYS A 59 -31.69 14.54 -13.98
C LYS A 59 -30.45 14.16 -13.19
N TRP A 60 -30.49 14.35 -11.87
CA TRP A 60 -29.36 13.99 -11.03
C TRP A 60 -29.23 12.48 -10.90
N HIS A 61 -27.99 12.00 -10.96
CA HIS A 61 -27.71 10.57 -10.81
C HIS A 61 -26.81 10.31 -9.61
N ASN A 62 -26.89 9.11 -9.06
CA ASN A 62 -26.05 8.72 -7.92
C ASN A 62 -25.61 7.27 -8.01
N ASP A 63 -24.32 7.07 -8.29
CA ASP A 63 -23.74 5.73 -8.34
C ASP A 63 -22.83 5.51 -7.15
N TYR A 64 -23.01 4.38 -6.46
CA TYR A 64 -22.25 4.09 -5.26
C TYR A 64 -21.62 2.70 -5.31
N ALA A 65 -20.51 2.54 -4.61
CA ALA A 65 -19.88 1.23 -4.49
C ALA A 65 -20.73 0.31 -3.63
N VAL A 66 -20.64 -0.99 -3.89
CA VAL A 66 -21.44 -1.97 -3.16
C VAL A 66 -21.09 -2.00 -1.68
N SER A 67 -19.81 -1.90 -1.38
CA SER A 67 -19.32 -2.04 0.00
C SER A 67 -19.63 -0.84 0.89
N VAL A 68 -20.22 0.20 0.32
CA VAL A 68 -20.55 1.41 1.08
C VAL A 68 -21.94 1.94 0.78
N LYS A 69 -22.65 1.26 -0.11
CA LYS A 69 -23.94 1.74 -0.62
C LYS A 69 -24.99 1.94 0.48
N SER A 70 -24.86 1.20 1.57
CA SER A 70 -25.86 1.26 2.64
C SER A 70 -25.64 2.41 3.61
N ARG A 71 -24.58 3.18 3.39
CA ARG A 71 -24.24 4.25 4.33
C ARG A 71 -23.49 5.41 3.68
N ILE A 72 -23.45 5.43 2.35
CA ILE A 72 -22.80 6.53 1.66
C ILE A 72 -23.82 7.39 0.91
N THR A 73 -23.50 8.67 0.76
CA THR A 73 -24.36 9.61 0.08
C THR A 73 -23.55 10.83 -0.38
N ILE A 74 -23.69 11.19 -1.65
CA ILE A 74 -22.98 12.33 -2.20
C ILE A 74 -23.95 13.45 -2.55
N ASN A 75 -23.93 14.52 -1.76
CA ASN A 75 -24.89 15.61 -1.91
C ASN A 75 -24.37 16.77 -2.74
N PRO A 76 -24.98 17.00 -3.91
CA PRO A 76 -24.65 18.16 -4.75
C PRO A 76 -25.32 19.43 -4.23
N ASP A 77 -24.71 20.58 -4.53
CA ASP A 77 -25.25 21.87 -4.13
C ASP A 77 -24.97 22.90 -5.22
N THR A 78 -25.97 23.20 -6.03
CA THR A 78 -25.80 24.08 -7.18
C THR A 78 -25.61 25.54 -6.77
N SER A 79 -26.25 25.94 -5.67
CA SER A 79 -26.16 27.31 -5.20
C SER A 79 -24.75 27.63 -4.70
N LYS A 80 -24.15 26.69 -3.99
CA LYS A 80 -22.78 26.85 -3.50
C LYS A 80 -21.77 26.39 -4.54
N ASN A 81 -22.24 25.63 -5.52
CA ASN A 81 -21.39 24.98 -6.52
C ASN A 81 -20.34 24.08 -5.85
N GLN A 82 -20.83 23.09 -5.11
CA GLN A 82 -19.96 22.11 -4.46
C GLN A 82 -20.74 20.84 -4.16
N PHE A 83 -20.01 19.73 -4.00
CA PHE A 83 -20.63 18.46 -3.62
C PHE A 83 -19.91 17.88 -2.41
N SER A 84 -20.65 17.18 -1.57
CA SER A 84 -20.11 16.68 -0.31
C SER A 84 -20.12 15.15 -0.23
N LEU A 85 -19.29 14.62 0.66
CA LEU A 85 -19.29 13.20 0.95
C LEU A 85 -19.86 12.95 2.33
N GLN A 86 -21.00 12.27 2.39
CA GLN A 86 -21.60 11.90 3.66
C GLN A 86 -21.46 10.40 3.90
N LEU A 87 -20.47 10.03 4.71
CA LEU A 87 -20.25 8.64 5.08
C LEU A 87 -20.71 8.42 6.52
N ASN A 88 -21.83 7.69 6.67
CA ASN A 88 -22.42 7.48 7.98
C ASN A 88 -21.92 6.21 8.66
N SER A 89 -22.04 6.18 9.99
CA SER A 89 -21.68 5.02 10.80
C SER A 89 -20.25 4.55 10.53
N VAL A 90 -19.28 5.43 10.73
CA VAL A 90 -17.90 5.13 10.39
C VAL A 90 -17.26 4.11 11.34
N THR A 91 -16.36 3.31 10.78
CA THR A 91 -15.63 2.30 11.53
C THR A 91 -14.13 2.54 11.36
N PRO A 92 -13.28 1.88 12.16
CA PRO A 92 -11.84 1.99 11.94
C PRO A 92 -11.41 1.58 10.52
N GLU A 93 -12.24 0.81 9.84
CA GLU A 93 -11.96 0.41 8.46
C GLU A 93 -12.09 1.59 7.49
N ASP A 94 -12.67 2.69 7.97
CA ASP A 94 -12.89 3.86 7.13
C ASP A 94 -11.76 4.87 7.27
N THR A 95 -10.73 4.50 8.03
CA THR A 95 -9.54 5.34 8.16
C THR A 95 -8.73 5.29 6.87
N ALA A 96 -8.68 6.40 6.15
CA ALA A 96 -7.98 6.46 4.87
C ALA A 96 -7.79 7.90 4.40
N VAL A 97 -7.04 8.06 3.30
CA VAL A 97 -6.90 9.35 2.66
C VAL A 97 -7.98 9.50 1.59
N TYR A 98 -8.85 10.50 1.78
CA TYR A 98 -10.00 10.68 0.90
C TYR A 98 -9.74 11.72 -0.19
N TYR A 99 -10.07 11.36 -1.43
CA TYR A 99 -9.91 12.25 -2.57
C TYR A 99 -11.24 12.54 -3.26
N CYS A 100 -11.42 13.77 -3.72
CA CYS A 100 -12.54 14.08 -4.60
C CYS A 100 -11.96 14.38 -5.98
N ALA A 101 -12.65 13.92 -7.02
CA ALA A 101 -12.13 14.04 -8.37
C ALA A 101 -13.24 14.21 -9.40
N ARG A 102 -12.94 14.98 -10.45
CA ARG A 102 -13.90 15.17 -11.55
C ARG A 102 -13.76 14.07 -12.58
N GLY A 103 -14.90 13.55 -13.04
CA GLY A 103 -14.90 12.52 -14.05
C GLY A 103 -15.29 13.05 -15.41
N GLN A 104 -14.40 12.91 -16.39
CA GLN A 104 -14.68 13.31 -17.76
C GLN A 104 -14.50 12.13 -18.70
N MET A 105 -15.59 11.69 -19.33
CA MET A 105 -15.59 10.51 -20.18
C MET A 105 -15.10 9.28 -19.43
N GLY A 106 -15.30 9.29 -18.11
CA GLY A 106 -14.84 8.19 -17.27
C GLY A 106 -13.47 8.44 -16.68
N ALA A 107 -12.76 9.45 -17.21
CA ALA A 107 -11.40 9.74 -16.77
C ALA A 107 -11.39 10.70 -15.59
N LEU A 108 -10.66 10.33 -14.54
CA LEU A 108 -10.46 11.21 -13.39
C LEU A 108 -9.27 12.13 -13.65
N ASP A 109 -9.55 13.26 -14.31
CA ASP A 109 -8.49 14.15 -14.79
C ASP A 109 -8.09 15.22 -13.79
N VAL A 110 -9.01 15.62 -12.92
CA VAL A 110 -8.73 16.62 -11.90
C VAL A 110 -9.00 16.08 -10.50
N TRP A 111 -7.98 16.08 -9.66
CA TRP A 111 -8.10 15.54 -8.31
C TRP A 111 -7.98 16.62 -7.24
N GLY A 112 -8.46 16.32 -6.04
CA GLY A 112 -8.30 17.21 -4.91
C GLY A 112 -7.04 16.87 -4.14
N GLN A 113 -6.65 17.73 -3.20
CA GLN A 113 -5.42 17.55 -2.45
C GLN A 113 -5.44 16.26 -1.63
N GLY A 114 -6.60 15.95 -1.04
CA GLY A 114 -6.74 14.76 -0.23
C GLY A 114 -6.83 15.08 1.24
N THR A 115 -7.69 14.35 1.95
CA THR A 115 -7.87 14.56 3.38
C THR A 115 -7.68 13.25 4.15
N THR A 116 -6.67 13.22 5.00
CA THR A 116 -6.41 12.06 5.84
C THR A 116 -7.43 11.98 6.97
N VAL A 117 -8.28 10.96 6.93
CA VAL A 117 -9.32 10.78 7.94
C VAL A 117 -8.99 9.63 8.87
N THR A 118 -8.99 9.89 10.17
CA THR A 118 -8.71 8.87 11.17
C THR A 118 -9.94 8.56 12.01
N VAL A 119 -10.21 7.27 12.20
CA VAL A 119 -11.35 6.86 13.01
C VAL A 119 -10.88 6.15 14.28
N SER A 120 -10.79 6.91 15.37
CA SER A 120 -10.36 6.37 16.65
C SER A 120 -11.18 6.92 17.81
N SER A 138 -11.50 -3.72 -7.34
CA SER A 138 -10.86 -4.66 -6.42
C SER A 138 -10.47 -5.96 -7.13
N VAL A 139 -10.83 -6.07 -8.40
CA VAL A 139 -10.63 -7.31 -9.14
C VAL A 139 -9.43 -7.24 -10.08
N LEU A 140 -9.08 -6.04 -10.53
CA LEU A 140 -7.97 -5.86 -11.46
C LEU A 140 -6.66 -6.38 -10.87
N THR A 141 -5.76 -6.83 -11.75
CA THR A 141 -4.52 -7.45 -11.31
C THR A 141 -3.29 -6.86 -11.99
N GLN A 142 -2.36 -6.37 -11.18
CA GLN A 142 -1.11 -5.83 -11.69
C GLN A 142 0.08 -6.51 -11.02
N PRO A 143 1.25 -6.49 -11.67
CA PRO A 143 2.47 -6.94 -10.98
C PRO A 143 2.81 -6.00 -9.82
N PRO A 144 3.20 -6.57 -8.67
CA PRO A 144 3.52 -5.78 -7.46
C PRO A 144 4.55 -4.69 -7.71
N SER A 145 5.66 -5.07 -8.35
CA SER A 145 6.73 -4.12 -8.61
C SER A 145 7.26 -4.21 -10.04
N ALA A 146 7.91 -3.15 -10.49
CA ALA A 146 8.56 -3.13 -11.79
C ALA A 146 9.82 -2.28 -11.71
N SER A 147 10.76 -2.51 -12.61
CA SER A 147 12.01 -1.77 -12.58
C SER A 147 12.58 -1.56 -13.97
N GLY A 148 13.30 -0.46 -14.14
CA GLY A 148 13.92 -0.14 -15.42
C GLY A 148 15.10 0.80 -15.26
N THR A 149 15.97 0.80 -16.26
CA THR A 149 17.14 1.68 -16.29
C THR A 149 16.81 2.87 -17.20
N PRO A 150 17.23 4.09 -16.81
CA PRO A 150 16.96 5.30 -17.59
C PRO A 150 17.16 5.14 -19.11
N GLY A 151 16.10 5.39 -19.87
CA GLY A 151 16.17 5.28 -21.32
C GLY A 151 15.51 4.01 -21.85
N GLN A 152 15.42 3.00 -20.99
CA GLN A 152 14.85 1.71 -21.37
C GLN A 152 13.33 1.78 -21.51
N ARG A 153 12.79 0.95 -22.39
CA ARG A 153 11.34 0.83 -22.54
C ARG A 153 10.80 -0.25 -21.62
N VAL A 154 9.95 0.15 -20.67
CA VAL A 154 9.34 -0.80 -19.75
C VAL A 154 7.82 -0.82 -19.92
N THR A 155 7.21 -1.94 -19.57
CA THR A 155 5.76 -2.09 -19.71
C THR A 155 5.11 -2.58 -18.42
N ILE A 156 3.96 -2.00 -18.10
CA ILE A 156 3.19 -2.42 -16.93
C ILE A 156 1.82 -2.93 -17.38
N SER A 157 1.57 -4.21 -17.13
CA SER A 157 0.33 -4.85 -17.61
C SER A 157 -0.74 -4.92 -16.53
N CYS A 158 -1.98 -5.16 -16.96
CA CYS A 158 -3.09 -5.35 -16.04
C CYS A 158 -4.08 -6.36 -16.58
N SER A 159 -4.33 -7.42 -15.81
CA SER A 159 -5.25 -8.46 -16.22
C SER A 159 -6.62 -8.29 -15.59
N GLY A 160 -7.65 -8.28 -16.42
CA GLY A 160 -9.02 -8.19 -15.94
C GLY A 160 -9.85 -9.35 -16.47
N SER A 161 -11.13 -9.10 -16.69
CA SER A 161 -12.02 -10.12 -17.23
C SER A 161 -13.06 -9.50 -18.16
N SER A 162 -14.03 -10.31 -18.57
CA SER A 162 -15.07 -9.86 -19.50
C SER A 162 -15.97 -8.79 -18.89
N SER A 163 -16.06 -8.79 -17.56
CA SER A 163 -16.98 -7.90 -16.86
C SER A 163 -16.42 -6.48 -16.70
N ASN A 164 -15.10 -6.33 -16.84
CA ASN A 164 -14.48 -5.02 -16.69
C ASN A 164 -13.68 -4.57 -17.92
N ILE A 165 -12.40 -4.96 -17.97
CA ILE A 165 -11.52 -4.57 -19.06
C ILE A 165 -12.03 -5.09 -20.40
N GLY A 166 -12.61 -6.29 -20.39
CA GLY A 166 -13.07 -6.93 -21.61
C GLY A 166 -14.15 -6.19 -22.37
N SER A 167 -14.83 -5.26 -21.72
CA SER A 167 -15.95 -4.57 -22.36
C SER A 167 -16.05 -3.08 -22.01
N TYR A 168 -15.00 -2.54 -21.39
CA TYR A 168 -15.00 -1.12 -21.03
C TYR A 168 -13.62 -0.50 -21.21
N TYR A 169 -13.58 0.84 -21.24
CA TYR A 169 -12.33 1.56 -21.44
C TYR A 169 -11.36 1.39 -20.27
N VAL A 170 -10.08 1.59 -20.54
CA VAL A 170 -9.04 1.45 -19.53
C VAL A 170 -8.33 2.79 -19.29
N TYR A 171 -8.13 3.12 -18.02
CA TYR A 171 -7.48 4.37 -17.65
C TYR A 171 -6.22 4.11 -16.83
N TRP A 172 -5.23 4.99 -16.93
CA TRP A 172 -3.97 4.82 -16.21
C TRP A 172 -3.60 6.05 -15.38
N TYR A 173 -2.97 5.81 -14.24
CA TYR A 173 -2.64 6.90 -13.31
C TYR A 173 -1.25 6.73 -12.71
N GLN A 174 -0.59 7.86 -12.48
CA GLN A 174 0.72 7.89 -11.82
C GLN A 174 0.60 8.58 -10.46
N GLN A 175 1.19 8.00 -9.43
CA GLN A 175 1.08 8.56 -8.09
C GLN A 175 2.41 8.62 -7.34
N PHE A 176 2.79 9.82 -6.92
CA PHE A 176 3.96 10.01 -6.06
C PHE A 176 3.53 9.99 -4.60
N PRO A 177 4.47 9.70 -3.68
CA PRO A 177 4.15 9.69 -2.25
C PRO A 177 3.54 10.99 -1.75
N GLY A 178 2.40 10.90 -1.10
CA GLY A 178 1.73 12.05 -0.51
C GLY A 178 0.98 12.92 -1.52
N THR A 179 0.87 12.42 -2.75
CA THR A 179 0.23 13.19 -3.81
C THR A 179 -0.93 12.40 -4.43
N ALA A 180 -1.95 13.11 -4.88
CA ALA A 180 -3.08 12.50 -5.58
C ALA A 180 -2.63 11.91 -6.91
N PRO A 181 -3.28 10.82 -7.35
CA PRO A 181 -2.99 10.18 -8.62
C PRO A 181 -3.15 11.14 -9.80
N LYS A 182 -2.25 11.05 -10.78
CA LYS A 182 -2.29 11.91 -11.95
C LYS A 182 -2.64 11.12 -13.21
N LEU A 183 -3.60 11.63 -13.99
CA LEU A 183 -4.05 10.95 -15.20
C LEU A 183 -2.94 10.85 -16.25
N LEU A 184 -2.73 9.66 -16.77
CA LEU A 184 -1.69 9.42 -17.76
C LEU A 184 -2.27 8.99 -19.10
N ILE A 185 -3.14 7.98 -19.07
CA ILE A 185 -3.78 7.48 -20.27
C ILE A 185 -5.28 7.30 -20.04
N TYR A 186 -6.09 7.84 -20.95
CA TYR A 186 -7.52 7.63 -20.91
C TYR A 186 -8.00 6.99 -22.21
N GLY A 187 -9.14 6.31 -22.15
CA GLY A 187 -9.70 5.65 -23.31
C GLY A 187 -8.73 4.67 -23.95
N ASN A 188 -8.26 3.71 -23.16
CA ASN A 188 -7.32 2.68 -23.60
C ASN A 188 -5.96 3.21 -24.06
N ASN A 189 -5.95 4.13 -25.01
CA ASN A 189 -4.68 4.60 -25.56
C ASN A 189 -4.65 6.08 -25.96
N GLN A 190 -5.51 6.89 -25.37
CA GLN A 190 -5.49 8.33 -25.62
C GLN A 190 -4.69 9.06 -24.54
N ARG A 191 -3.82 9.96 -24.98
CA ARG A 191 -2.95 10.69 -24.06
C ARG A 191 -3.32 12.17 -23.99
N PRO A 192 -3.63 12.65 -22.77
CA PRO A 192 -4.00 14.05 -22.55
C PRO A 192 -2.80 14.98 -22.70
N SER A 193 -3.07 16.27 -22.91
CA SER A 193 -2.00 17.26 -23.02
C SER A 193 -1.35 17.48 -21.66
N GLY A 194 -0.03 17.70 -21.67
CA GLY A 194 0.72 17.84 -20.44
C GLY A 194 1.50 16.57 -20.13
N VAL A 195 0.99 15.45 -20.63
CA VAL A 195 1.66 14.17 -20.50
C VAL A 195 2.57 13.92 -21.69
N PRO A 196 3.88 13.78 -21.44
CA PRO A 196 4.88 13.59 -22.50
C PRO A 196 4.62 12.35 -23.34
N ASP A 197 5.12 12.36 -24.57
CA ASP A 197 4.90 11.28 -25.52
C ASP A 197 5.57 9.97 -25.08
N ARG A 198 6.35 10.06 -24.02
CA ARG A 198 7.01 8.90 -23.43
C ARG A 198 6.00 7.85 -22.97
N PHE A 199 4.82 8.30 -22.56
CA PHE A 199 3.79 7.40 -22.05
C PHE A 199 2.81 7.00 -23.14
N SER A 200 2.44 5.71 -23.13
CA SER A 200 1.46 5.19 -24.08
C SER A 200 0.77 3.96 -23.50
N GLY A 201 -0.42 3.65 -24.00
CA GLY A 201 -1.18 2.51 -23.52
C GLY A 201 -1.78 1.69 -24.63
N SER A 202 -2.30 0.52 -24.28
CA SER A 202 -2.97 -0.36 -25.25
C SER A 202 -3.85 -1.36 -24.53
N LYS A 203 -4.86 -1.87 -25.22
CA LYS A 203 -5.80 -2.82 -24.63
C LYS A 203 -6.01 -4.02 -25.54
N SER A 204 -5.67 -5.20 -25.03
CA SER A 204 -5.82 -6.43 -25.79
C SER A 204 -6.72 -7.44 -25.10
N GLY A 205 -7.99 -7.47 -25.51
CA GLY A 205 -8.96 -8.38 -24.93
C GLY A 205 -9.31 -8.01 -23.52
N THR A 206 -8.91 -8.86 -22.57
CA THR A 206 -9.14 -8.60 -21.16
C THR A 206 -7.86 -8.13 -20.48
N SER A 207 -6.89 -7.70 -21.28
CA SER A 207 -5.62 -7.23 -20.77
C SER A 207 -5.30 -5.82 -21.25
N ALA A 208 -4.72 -5.01 -20.36
CA ALA A 208 -4.29 -3.67 -20.72
C ALA A 208 -2.82 -3.50 -20.35
N SER A 209 -2.17 -2.50 -20.92
CA SER A 209 -0.74 -2.29 -20.67
C SER A 209 -0.34 -0.83 -20.79
N LEU A 210 0.49 -0.37 -19.87
CA LEU A 210 1.09 0.95 -19.93
C LEU A 210 2.56 0.82 -20.28
N ALA A 211 2.99 1.55 -21.30
CA ALA A 211 4.38 1.48 -21.76
C ALA A 211 5.09 2.81 -21.59
N ILE A 212 6.33 2.75 -21.12
CA ILE A 212 7.15 3.95 -20.95
C ILE A 212 8.39 3.86 -21.84
N THR A 213 8.28 4.43 -23.04
CA THR A 213 9.37 4.39 -24.01
C THR A 213 10.37 5.51 -23.78
N GLY A 214 11.53 5.14 -23.24
CA GLY A 214 12.57 6.11 -22.91
C GLY A 214 12.47 6.56 -21.47
N LEU A 215 12.45 5.59 -20.57
CA LEU A 215 12.26 5.82 -19.13
C LEU A 215 13.22 6.87 -18.56
N GLN A 216 12.68 7.73 -17.69
CA GLN A 216 13.48 8.75 -17.02
C GLN A 216 13.36 8.59 -15.50
N ALA A 217 14.28 9.22 -14.77
CA ALA A 217 14.33 9.08 -13.32
C ALA A 217 13.10 9.67 -12.62
N GLU A 218 12.43 10.60 -13.29
CA GLU A 218 11.27 11.25 -12.71
C GLU A 218 10.02 10.36 -12.71
N ASP A 219 10.14 9.17 -13.29
CA ASP A 219 9.00 8.28 -13.45
C ASP A 219 8.85 7.30 -12.28
N GLU A 220 9.72 7.42 -11.28
CA GLU A 220 9.61 6.59 -10.09
C GLU A 220 8.34 6.90 -9.31
N ALA A 221 7.35 6.02 -9.43
CA ALA A 221 6.07 6.22 -8.76
C ALA A 221 5.25 4.94 -8.75
N ASP A 222 4.04 5.03 -8.22
CA ASP A 222 3.09 3.92 -8.29
C ASP A 222 2.14 4.14 -9.45
N TYR A 223 1.97 3.11 -10.28
CA TYR A 223 1.09 3.21 -11.43
C TYR A 223 -0.13 2.33 -11.28
N TYR A 224 -1.30 2.94 -11.43
CA TYR A 224 -2.56 2.23 -11.23
C TYR A 224 -3.38 2.16 -12.52
N CYS A 225 -3.98 1.00 -12.74
CA CYS A 225 -4.88 0.81 -13.88
C CYS A 225 -6.33 0.90 -13.42
N GLN A 226 -7.16 1.57 -14.21
CA GLN A 226 -8.57 1.75 -13.85
C GLN A 226 -9.50 1.34 -14.98
N SER A 227 -10.59 0.67 -14.63
CA SER A 227 -11.62 0.32 -15.58
C SER A 227 -13.00 0.44 -14.93
N TYR A 228 -14.00 -0.20 -15.54
CA TYR A 228 -15.34 -0.21 -14.98
C TYR A 228 -15.92 -1.63 -15.03
N ASP A 229 -16.34 -2.13 -13.88
CA ASP A 229 -16.95 -3.45 -13.80
C ASP A 229 -18.47 -3.34 -13.81
N SER A 230 -19.12 -4.24 -14.55
CA SER A 230 -20.58 -4.23 -14.64
C SER A 230 -21.20 -5.11 -13.57
N SER A 231 -20.45 -6.10 -13.11
CA SER A 231 -20.91 -7.00 -12.06
C SER A 231 -20.93 -6.28 -10.72
N LEU A 232 -19.97 -5.39 -10.52
CA LEU A 232 -19.93 -4.55 -9.33
C LEU A 232 -20.66 -3.23 -9.59
N SER A 233 -20.88 -2.94 -10.87
CA SER A 233 -21.58 -1.74 -11.31
C SER A 233 -20.96 -0.47 -10.75
N GLY A 234 -19.63 -0.40 -10.80
CA GLY A 234 -18.90 0.75 -10.30
C GLY A 234 -17.48 0.81 -10.85
N VAL A 235 -16.80 1.90 -10.56
CA VAL A 235 -15.42 2.09 -10.99
C VAL A 235 -14.48 1.18 -10.21
N ILE A 236 -13.59 0.50 -10.92
CA ILE A 236 -12.69 -0.47 -10.32
C ILE A 236 -11.21 -0.10 -10.55
N PHE A 237 -10.39 -0.24 -9.51
CA PHE A 237 -8.98 0.05 -9.61
C PHE A 237 -8.12 -1.21 -9.51
N GLY A 238 -6.84 -1.08 -9.85
CA GLY A 238 -5.91 -2.18 -9.74
C GLY A 238 -5.08 -2.10 -8.47
N GLY A 239 -4.29 -3.14 -8.22
CA GLY A 239 -3.46 -3.20 -7.02
C GLY A 239 -2.29 -2.22 -7.06
N GLY A 240 -1.97 -1.73 -8.25
CA GLY A 240 -0.90 -0.77 -8.42
C GLY A 240 0.46 -1.43 -8.60
N THR A 241 1.32 -0.78 -9.36
CA THR A 241 2.66 -1.29 -9.63
C THR A 241 3.72 -0.27 -9.25
N LYS A 242 4.66 -0.68 -8.41
CA LYS A 242 5.77 0.17 -8.01
C LYS A 242 6.89 0.12 -9.04
N LEU A 243 7.09 1.23 -9.77
CA LEU A 243 8.14 1.29 -10.77
C LEU A 243 9.40 1.93 -10.22
N THR A 244 10.52 1.23 -10.36
CA THR A 244 11.81 1.74 -9.90
C THR A 244 12.73 2.08 -11.07
N VAL A 245 13.28 3.29 -11.04
CA VAL A 245 14.28 3.68 -12.03
C VAL A 245 15.68 3.49 -11.44
N LEU A 246 16.43 2.55 -12.01
CA LEU A 246 17.76 2.20 -11.52
C LEU A 246 18.80 3.24 -11.96
N GLN B 2 26.49 -17.94 9.86
CA GLN B 2 25.53 -17.20 9.05
C GLN B 2 24.25 -18.01 8.85
N VAL B 3 23.13 -17.30 8.75
CA VAL B 3 21.83 -17.94 8.58
C VAL B 3 21.15 -17.51 7.29
N GLN B 4 20.76 -18.48 6.48
CA GLN B 4 20.10 -18.16 5.22
C GLN B 4 18.73 -18.84 5.11
N LEU B 5 17.82 -18.16 4.43
CA LEU B 5 16.46 -18.65 4.22
C LEU B 5 16.18 -18.79 2.72
N GLN B 6 15.83 -19.99 2.28
CA GLN B 6 15.53 -20.22 0.87
C GLN B 6 14.03 -20.40 0.65
N GLN B 7 13.47 -19.51 -0.16
CA GLN B 7 12.04 -19.50 -0.44
C GLN B 7 11.68 -20.32 -1.67
N SER B 8 10.51 -20.93 -1.64
CA SER B 8 10.00 -21.67 -2.80
C SER B 8 8.48 -21.52 -2.88
N GLY B 9 7.96 -21.56 -4.10
CA GLY B 9 6.53 -21.42 -4.30
C GLY B 9 6.19 -20.93 -5.69
N PRO B 10 4.89 -20.99 -6.04
CA PRO B 10 4.40 -20.55 -7.36
C PRO B 10 4.44 -19.03 -7.52
N GLY B 11 4.53 -18.58 -8.76
CA GLY B 11 4.51 -17.16 -9.05
C GLY B 11 3.13 -16.72 -9.50
N LEU B 12 2.19 -17.67 -9.51
CA LEU B 12 0.82 -17.40 -9.93
C LEU B 12 -0.16 -18.38 -9.31
N VAL B 13 -1.25 -17.86 -8.75
CA VAL B 13 -2.30 -18.70 -8.19
C VAL B 13 -3.67 -18.21 -8.66
N LYS B 14 -4.47 -19.12 -9.19
CA LYS B 14 -5.83 -18.79 -9.61
C LYS B 14 -6.67 -18.33 -8.42
N PRO B 15 -7.65 -17.46 -8.67
CA PRO B 15 -8.57 -17.00 -7.62
C PRO B 15 -9.28 -18.16 -6.91
N SER B 16 -9.62 -17.96 -5.64
CA SER B 16 -10.29 -18.95 -4.80
C SER B 16 -9.44 -20.20 -4.51
N GLN B 17 -8.22 -20.23 -5.04
CA GLN B 17 -7.32 -21.34 -4.80
C GLN B 17 -6.38 -21.07 -3.63
N THR B 18 -5.55 -22.04 -3.30
CA THR B 18 -4.67 -21.94 -2.13
C THR B 18 -3.23 -21.64 -2.52
N LEU B 19 -2.63 -20.64 -1.87
CA LEU B 19 -1.23 -20.31 -2.07
C LEU B 19 -0.36 -21.02 -1.02
N SER B 20 0.63 -21.75 -1.49
CA SER B 20 1.53 -22.46 -0.58
C SER B 20 2.99 -22.06 -0.81
N LEU B 21 3.63 -21.59 0.25
CA LEU B 21 5.04 -21.20 0.17
C LEU B 21 5.86 -21.98 1.20
N THR B 22 7.12 -22.25 0.88
CA THR B 22 7.99 -22.99 1.78
C THR B 22 9.30 -22.23 2.01
N CYS B 23 9.70 -22.10 3.26
CA CYS B 23 10.93 -21.40 3.61
C CYS B 23 11.90 -22.34 4.31
N GLY B 24 13.03 -22.62 3.67
CA GLY B 24 14.04 -23.50 4.23
C GLY B 24 15.05 -22.75 5.09
N ILE B 25 15.45 -23.35 6.20
CA ILE B 25 16.35 -22.70 7.14
C ILE B 25 17.72 -23.40 7.19
N SER B 26 18.78 -22.59 7.17
CA SER B 26 20.15 -23.10 7.32
C SER B 26 20.93 -22.24 8.29
N GLY B 27 21.55 -22.88 9.28
CA GLY B 27 22.33 -22.17 10.27
C GLY B 27 21.54 -21.89 11.54
N ASP B 28 20.35 -22.45 11.62
CA ASP B 28 19.50 -22.27 12.78
C ASP B 28 18.41 -23.35 12.82
N SER B 29 17.88 -23.61 14.02
CA SER B 29 16.81 -24.58 14.17
C SER B 29 15.45 -23.89 14.18
N VAL B 30 14.45 -24.54 13.60
CA VAL B 30 13.11 -23.99 13.55
C VAL B 30 12.47 -24.05 14.95
N SER B 31 13.06 -24.84 15.82
CA SER B 31 12.56 -25.00 17.19
C SER B 31 13.34 -24.13 18.17
N SER B 32 14.05 -23.13 17.64
CA SER B 32 14.87 -22.25 18.46
C SER B 32 14.02 -21.46 19.47
N LYS B 33 14.48 -21.44 20.71
CA LYS B 33 13.77 -20.76 21.79
C LYS B 33 13.86 -19.25 21.68
N SER B 34 14.78 -18.77 20.85
CA SER B 34 15.02 -17.34 20.71
C SER B 34 14.50 -16.81 19.38
N ALA B 35 14.06 -17.70 18.51
CA ALA B 35 13.67 -17.32 17.15
C ALA B 35 12.18 -17.47 16.90
N ALA B 36 11.66 -16.62 16.01
CA ALA B 36 10.29 -16.74 15.52
C ALA B 36 10.31 -16.60 14.00
N TRP B 37 9.47 -17.39 13.32
CA TRP B 37 9.53 -17.47 11.86
C TRP B 37 8.30 -16.82 11.22
N ASN B 38 8.53 -15.69 10.57
CA ASN B 38 7.46 -14.84 10.07
C ASN B 38 7.24 -14.92 8.56
N TRP B 39 6.06 -14.49 8.13
CA TRP B 39 5.78 -14.28 6.71
C TRP B 39 5.30 -12.84 6.52
N ILE B 40 5.90 -12.14 5.55
CA ILE B 40 5.52 -10.76 5.28
C ILE B 40 5.35 -10.54 3.78
N ARG B 41 4.28 -9.86 3.39
CA ARG B 41 4.07 -9.53 1.98
C ARG B 41 4.12 -8.02 1.75
N GLN B 42 4.33 -7.62 0.50
CA GLN B 42 4.48 -6.21 0.17
C GLN B 42 3.92 -5.87 -1.21
N SER B 43 3.09 -4.83 -1.25
CA SER B 43 2.48 -4.37 -2.51
C SER B 43 2.11 -2.90 -2.38
N PRO B 44 2.03 -2.18 -3.51
CA PRO B 44 1.70 -0.75 -3.50
C PRO B 44 0.36 -0.44 -2.82
N SER B 45 -0.55 -1.40 -2.83
CA SER B 45 -1.87 -1.20 -2.25
C SER B 45 -1.91 -1.56 -0.76
N ARG B 46 -1.26 -2.66 -0.40
CA ARG B 46 -1.32 -3.15 0.97
C ARG B 46 -0.10 -2.77 1.80
N GLY B 47 0.90 -2.19 1.14
CA GLY B 47 2.13 -1.80 1.82
C GLY B 47 2.88 -2.97 2.40
N LEU B 48 3.74 -2.70 3.38
CA LEU B 48 4.49 -3.75 4.06
C LEU B 48 3.62 -4.39 5.13
N GLU B 49 3.08 -5.57 4.83
CA GLU B 49 2.07 -6.19 5.69
C GLU B 49 2.54 -7.51 6.29
N TRP B 50 2.65 -7.54 7.62
CA TRP B 50 2.97 -8.75 8.35
C TRP B 50 1.79 -9.73 8.29
N LEU B 51 2.09 -11.00 8.01
CA LEU B 51 1.04 -11.99 7.80
C LEU B 51 0.83 -12.90 9.01
N GLY B 52 1.92 -13.37 9.61
CA GLY B 52 1.84 -14.26 10.75
C GLY B 52 3.19 -14.83 11.13
N ARG B 53 3.18 -15.74 12.11
CA ARG B 53 4.41 -16.39 12.56
C ARG B 53 4.14 -17.63 13.39
N THR B 54 5.10 -18.55 13.36
CA THR B 54 5.07 -19.71 14.25
C THR B 54 6.41 -19.81 14.97
N TYR B 55 6.38 -20.32 16.20
CA TYR B 55 7.59 -20.40 17.01
C TYR B 55 7.43 -21.42 18.13
N TYR B 56 8.56 -21.86 18.68
CA TYR B 56 8.54 -22.92 19.69
C TYR B 56 9.00 -22.42 21.06
N ARG B 57 8.06 -22.43 22.01
CA ARG B 57 8.36 -22.11 23.40
C ARG B 57 7.83 -23.24 24.28
N SER B 58 8.56 -24.36 24.29
CA SER B 58 8.15 -25.61 24.95
C SER B 58 6.91 -26.23 24.29
N LYS B 59 6.31 -25.49 23.36
CA LYS B 59 5.24 -25.98 22.51
C LYS B 59 5.17 -25.07 21.29
N TRP B 60 4.49 -25.51 20.25
CA TRP B 60 4.37 -24.69 19.04
C TRP B 60 3.27 -23.64 19.19
N HIS B 61 3.62 -22.40 18.90
CA HIS B 61 2.68 -21.30 18.97
C HIS B 61 2.42 -20.71 17.59
N ASN B 62 1.30 -20.02 17.44
CA ASN B 62 0.95 -19.38 16.18
C ASN B 62 0.28 -18.03 16.39
N ASP B 63 0.89 -16.98 15.86
CA ASP B 63 0.31 -15.65 15.89
C ASP B 63 0.01 -15.16 14.48
N TYR B 64 -1.27 -14.91 14.20
CA TYR B 64 -1.68 -14.52 12.86
C TYR B 64 -2.19 -13.08 12.81
N ALA B 65 -2.01 -12.44 11.67
CA ALA B 65 -2.45 -11.06 11.48
C ALA B 65 -3.98 -10.99 11.37
N VAL B 66 -4.53 -9.86 11.76
CA VAL B 66 -5.97 -9.64 11.73
C VAL B 66 -6.54 -9.77 10.32
N SER B 67 -5.80 -9.26 9.34
CA SER B 67 -6.29 -9.18 7.96
C SER B 67 -6.47 -10.55 7.30
N VAL B 68 -5.63 -11.52 7.64
CA VAL B 68 -5.63 -12.81 6.96
C VAL B 68 -5.81 -14.00 7.90
N LYS B 69 -6.21 -13.72 9.14
CA LYS B 69 -6.32 -14.75 10.17
C LYS B 69 -7.18 -15.95 9.76
N SER B 70 -8.32 -15.66 9.15
CA SER B 70 -9.29 -16.70 8.82
C SER B 70 -8.88 -17.55 7.61
N ARG B 71 -7.81 -17.15 6.94
CA ARG B 71 -7.39 -17.84 5.71
C ARG B 71 -5.96 -18.34 5.76
N ILE B 72 -5.25 -18.06 6.85
CA ILE B 72 -3.82 -18.34 6.91
C ILE B 72 -3.48 -19.52 7.83
N THR B 73 -2.41 -20.23 7.48
CA THR B 73 -1.90 -21.32 8.30
C THR B 73 -0.39 -21.44 8.11
N ILE B 74 0.36 -21.40 9.22
CA ILE B 74 1.81 -21.47 9.16
C ILE B 74 2.34 -22.65 9.97
N ASN B 75 2.74 -23.71 9.27
CA ASN B 75 3.21 -24.93 9.93
C ASN B 75 4.72 -25.12 9.80
N PRO B 76 5.37 -25.49 10.92
CA PRO B 76 6.80 -25.81 10.93
C PRO B 76 7.07 -27.29 10.69
N ASP B 77 8.20 -27.60 10.05
CA ASP B 77 8.63 -28.98 9.86
C ASP B 77 10.01 -29.16 10.49
N THR B 78 10.05 -29.88 11.61
CA THR B 78 11.27 -30.02 12.39
C THR B 78 12.31 -30.93 11.76
N SER B 79 11.84 -31.88 10.94
CA SER B 79 12.75 -32.83 10.29
C SER B 79 13.48 -32.19 9.12
N LYS B 80 12.71 -31.59 8.21
CA LYS B 80 13.29 -30.90 7.06
C LYS B 80 13.87 -29.56 7.47
N ASN B 81 13.59 -29.16 8.72
CA ASN B 81 14.00 -27.87 9.25
C ASN B 81 13.51 -26.71 8.38
N GLN B 82 12.20 -26.57 8.29
CA GLN B 82 11.57 -25.54 7.47
C GLN B 82 10.20 -25.18 8.02
N PHE B 83 9.60 -24.13 7.46
CA PHE B 83 8.24 -23.75 7.81
C PHE B 83 7.52 -23.22 6.58
N SER B 84 6.21 -23.43 6.52
CA SER B 84 5.45 -23.13 5.32
C SER B 84 4.36 -22.08 5.54
N LEU B 85 3.87 -21.53 4.43
CA LEU B 85 2.76 -20.59 4.45
C LEU B 85 1.60 -21.14 3.62
N GLN B 86 0.40 -21.09 4.18
CA GLN B 86 -0.78 -21.52 3.45
C GLN B 86 -1.88 -20.46 3.53
N LEU B 87 -2.27 -19.92 2.38
CA LEU B 87 -3.32 -18.91 2.32
C LEU B 87 -4.46 -19.38 1.43
N ASN B 88 -5.61 -19.65 2.03
CA ASN B 88 -6.77 -20.16 1.30
C ASN B 88 -7.56 -19.07 0.60
N SER B 89 -8.25 -19.46 -0.47
CA SER B 89 -9.19 -18.60 -1.18
C SER B 89 -8.58 -17.26 -1.58
N VAL B 90 -7.46 -17.32 -2.30
CA VAL B 90 -6.75 -16.10 -2.68
C VAL B 90 -7.56 -15.30 -3.70
N THR B 91 -7.39 -13.99 -3.65
CA THR B 91 -8.05 -13.07 -4.57
C THR B 91 -7.00 -12.09 -5.08
N PRO B 92 -7.30 -11.34 -6.16
CA PRO B 92 -6.34 -10.35 -6.69
C PRO B 92 -5.75 -9.39 -5.66
N GLU B 93 -6.42 -9.19 -4.51
CA GLU B 93 -5.86 -8.35 -3.46
C GLU B 93 -4.62 -8.98 -2.85
N ASP B 94 -4.54 -10.31 -2.89
CA ASP B 94 -3.42 -11.04 -2.32
C ASP B 94 -2.18 -11.00 -3.20
N THR B 95 -2.26 -10.25 -4.30
CA THR B 95 -1.11 -10.07 -5.18
C THR B 95 -0.06 -9.20 -4.51
N ALA B 96 1.09 -9.80 -4.19
CA ALA B 96 2.17 -9.08 -3.52
C ALA B 96 3.46 -9.90 -3.57
N VAL B 97 4.56 -9.28 -3.13
CA VAL B 97 5.82 -10.00 -2.98
C VAL B 97 5.91 -10.56 -1.58
N TYR B 98 6.03 -11.88 -1.48
CA TYR B 98 6.01 -12.56 -0.19
C TYR B 98 7.41 -12.88 0.34
N TYR B 99 7.64 -12.54 1.60
CA TYR B 99 8.92 -12.79 2.26
C TYR B 99 8.74 -13.68 3.48
N CYS B 100 9.72 -14.55 3.74
CA CYS B 100 9.79 -15.23 5.03
C CYS B 100 10.96 -14.61 5.80
N ALA B 101 10.77 -14.37 7.07
CA ALA B 101 11.80 -13.71 7.86
C ALA B 101 11.90 -14.28 9.27
N ARG B 102 13.09 -14.18 9.85
CA ARG B 102 13.32 -14.63 11.21
C ARG B 102 13.23 -13.47 12.21
N GLY B 103 12.44 -13.65 13.26
CA GLY B 103 12.42 -12.71 14.36
C GLY B 103 13.19 -13.31 15.51
N GLN B 104 14.04 -12.50 16.16
CA GLN B 104 14.88 -13.03 17.23
C GLN B 104 14.75 -12.22 18.53
N MET B 105 14.49 -10.93 18.39
CA MET B 105 14.28 -10.06 19.55
C MET B 105 13.21 -9.03 19.23
N GLY B 106 12.22 -9.45 18.45
CA GLY B 106 11.21 -8.53 17.95
C GLY B 106 11.67 -7.93 16.63
N ALA B 107 12.93 -8.16 16.30
CA ALA B 107 13.51 -7.64 15.07
C ALA B 107 13.56 -8.71 13.97
N LEU B 108 13.16 -8.31 12.77
CA LEU B 108 13.26 -9.19 11.61
C LEU B 108 14.63 -9.05 10.98
N ASP B 109 15.61 -9.74 11.57
CA ASP B 109 17.01 -9.56 11.19
C ASP B 109 17.41 -10.31 9.93
N VAL B 110 16.84 -11.49 9.73
CA VAL B 110 17.17 -12.30 8.56
C VAL B 110 15.97 -12.48 7.65
N TRP B 111 16.14 -12.12 6.38
CA TRP B 111 15.05 -12.18 5.41
C TRP B 111 15.35 -13.14 4.26
N GLY B 112 14.30 -13.65 3.64
CA GLY B 112 14.43 -14.39 2.39
C GLY B 112 14.46 -13.41 1.23
N GLN B 113 14.81 -13.89 0.05
CA GLN B 113 14.92 -13.01 -1.11
C GLN B 113 13.55 -12.59 -1.65
N GLY B 114 12.51 -13.35 -1.29
CA GLY B 114 11.16 -12.99 -1.65
C GLY B 114 10.61 -13.73 -2.85
N THR B 115 9.29 -13.89 -2.88
CA THR B 115 8.61 -14.55 -3.99
C THR B 115 7.41 -13.75 -4.46
N THR B 116 7.47 -13.27 -5.69
CA THR B 116 6.36 -12.53 -6.28
C THR B 116 5.19 -13.45 -6.60
N VAL B 117 4.04 -13.20 -5.98
CA VAL B 117 2.85 -14.01 -6.20
C VAL B 117 1.72 -13.19 -6.81
N THR B 118 1.29 -13.61 -8.00
CA THR B 118 0.21 -12.94 -8.71
C THR B 118 -1.07 -13.77 -8.65
N VAL B 119 -2.22 -13.11 -8.50
CA VAL B 119 -3.50 -13.80 -8.53
C VAL B 119 -4.41 -13.21 -9.59
N SER B 120 -4.70 -13.97 -10.65
CA SER B 120 -5.50 -13.41 -11.73
C SER B 120 -6.39 -14.44 -12.42
N SER B 121 -7.46 -13.94 -13.03
CA SER B 121 -8.40 -14.78 -13.77
C SER B 121 -7.74 -15.38 -15.00
N GLN B 137 -3.74 3.13 13.75
CA GLN B 137 -4.20 1.93 14.44
C GLN B 137 -3.63 0.68 13.79
N SER B 138 -4.05 0.40 12.56
CA SER B 138 -3.57 -0.76 11.83
C SER B 138 -2.17 -0.52 11.25
N VAL B 139 -1.91 0.74 10.89
CA VAL B 139 -0.63 1.12 10.30
C VAL B 139 0.00 2.28 11.06
N LEU B 140 1.30 2.20 11.31
CA LEU B 140 2.03 3.29 11.93
C LEU B 140 2.14 4.47 10.97
N THR B 141 2.26 5.67 11.51
CA THR B 141 2.25 6.88 10.69
C THR B 141 3.65 7.41 10.38
N GLN B 142 4.04 7.33 9.12
CA GLN B 142 5.30 7.89 8.67
C GLN B 142 5.04 8.92 7.57
N PRO B 143 5.95 9.89 7.40
CA PRO B 143 5.84 10.77 6.24
C PRO B 143 6.06 9.99 4.95
N PRO B 144 5.18 10.18 3.95
CA PRO B 144 5.26 9.47 2.68
C PRO B 144 6.62 9.63 1.99
N SER B 145 7.24 10.80 2.15
CA SER B 145 8.54 11.05 1.54
C SER B 145 9.38 12.01 2.38
N ALA B 146 10.68 11.81 2.36
CA ALA B 146 11.63 12.71 3.00
C ALA B 146 12.77 13.02 2.04
N SER B 147 13.49 14.11 2.29
CA SER B 147 14.58 14.50 1.40
C SER B 147 15.64 15.34 2.12
N GLY B 148 16.81 15.42 1.51
CA GLY B 148 17.91 16.20 2.05
C GLY B 148 19.07 16.27 1.07
N THR B 149 19.96 17.23 1.28
CA THR B 149 21.15 17.38 0.46
C THR B 149 22.34 16.69 1.14
N PRO B 150 23.32 16.21 0.34
CA PRO B 150 24.49 15.50 0.85
C PRO B 150 25.20 16.21 2.01
N GLY B 151 25.49 15.47 3.08
CA GLY B 151 26.22 15.99 4.21
C GLY B 151 25.34 16.38 5.38
N GLN B 152 24.04 16.47 5.15
CA GLN B 152 23.10 16.88 6.18
C GLN B 152 22.73 15.74 7.13
N ARG B 153 22.12 16.11 8.24
CA ARG B 153 21.50 15.13 9.13
C ARG B 153 20.00 15.11 8.86
N VAL B 154 19.48 13.95 8.45
CA VAL B 154 18.06 13.82 8.14
C VAL B 154 17.40 12.85 9.11
N THR B 155 16.25 13.25 9.65
CA THR B 155 15.53 12.41 10.60
C THR B 155 14.12 12.08 10.11
N ILE B 156 13.79 10.79 10.14
CA ILE B 156 12.47 10.32 9.75
C ILE B 156 11.66 9.96 11.00
N SER B 157 10.46 10.51 11.10
CA SER B 157 9.64 10.33 12.29
C SER B 157 8.56 9.28 12.09
N CYS B 158 8.06 8.74 13.20
CA CYS B 158 6.95 7.78 13.16
C CYS B 158 6.09 7.92 14.41
N SER B 159 4.81 8.24 14.21
CA SER B 159 3.90 8.43 15.32
C SER B 159 2.93 7.26 15.44
N GLY B 160 2.76 6.76 16.67
CA GLY B 160 1.85 5.67 16.93
C GLY B 160 0.94 5.97 18.11
N SER B 161 0.78 4.99 18.99
CA SER B 161 -0.07 5.15 20.16
C SER B 161 0.41 4.27 21.31
N SER B 162 -0.34 4.28 22.41
CA SER B 162 0.03 3.52 23.60
C SER B 162 -0.06 2.02 23.36
N SER B 163 -0.92 1.62 22.41
CA SER B 163 -1.12 0.21 22.11
C SER B 163 0.09 -0.38 21.39
N ASN B 164 0.86 0.47 20.72
CA ASN B 164 2.04 0.01 19.98
C ASN B 164 3.35 0.62 20.48
N ILE B 165 3.74 1.75 19.88
CA ILE B 165 5.01 2.39 20.19
C ILE B 165 5.15 2.74 21.67
N GLY B 166 4.05 3.20 22.27
CA GLY B 166 4.07 3.60 23.67
C GLY B 166 4.33 2.48 24.66
N SER B 167 4.25 1.25 24.19
CA SER B 167 4.39 0.09 25.08
C SER B 167 5.42 -0.93 24.60
N TYR B 168 5.85 -0.80 23.35
CA TYR B 168 6.73 -1.82 22.76
C TYR B 168 7.94 -1.23 22.04
N TYR B 169 8.88 -2.11 21.68
CA TYR B 169 10.11 -1.70 21.01
C TYR B 169 9.85 -1.18 19.60
N VAL B 170 10.77 -0.35 19.12
CA VAL B 170 10.67 0.23 17.79
C VAL B 170 11.85 -0.22 16.93
N TYR B 171 11.56 -0.68 15.71
CA TYR B 171 12.59 -1.16 14.81
C TYR B 171 12.56 -0.40 13.49
N TRP B 172 13.73 -0.25 12.87
CA TRP B 172 13.83 0.46 11.60
C TRP B 172 14.50 -0.42 10.53
N TYR B 173 14.03 -0.29 9.29
CA TYR B 173 14.56 -1.09 8.20
C TYR B 173 14.89 -0.24 6.98
N GLN B 174 15.93 -0.63 6.25
CA GLN B 174 16.28 0.02 5.00
C GLN B 174 16.04 -0.92 3.84
N GLN B 175 15.23 -0.49 2.87
CA GLN B 175 14.90 -1.35 1.74
C GLN B 175 15.23 -0.71 0.40
N PHE B 176 16.20 -1.28 -0.29
CA PHE B 176 16.47 -0.91 -1.67
C PHE B 176 15.54 -1.68 -2.59
N PRO B 177 15.01 -1.02 -3.63
CA PRO B 177 14.12 -1.59 -4.63
C PRO B 177 14.51 -3.00 -5.10
N GLY B 178 13.58 -3.93 -5.02
CA GLY B 178 13.80 -5.28 -5.50
C GLY B 178 14.60 -6.15 -4.56
N THR B 179 14.71 -5.71 -3.30
CA THR B 179 15.44 -6.47 -2.29
C THR B 179 14.71 -6.42 -0.96
N ALA B 180 14.84 -7.48 -0.17
CA ALA B 180 14.21 -7.55 1.15
C ALA B 180 14.76 -6.47 2.07
N PRO B 181 13.91 -5.97 2.98
CA PRO B 181 14.32 -4.96 3.96
C PRO B 181 15.50 -5.42 4.82
N LYS B 182 16.39 -4.49 5.17
CA LYS B 182 17.55 -4.80 5.98
C LYS B 182 17.44 -4.16 7.37
N LEU B 183 17.72 -4.94 8.40
CA LEU B 183 17.64 -4.45 9.78
C LEU B 183 18.64 -3.32 10.01
N LEU B 184 18.12 -2.17 10.44
CA LEU B 184 18.94 -0.98 10.64
C LEU B 184 19.04 -0.64 12.12
N ILE B 185 17.90 -0.68 12.80
CA ILE B 185 17.83 -0.39 14.23
C ILE B 185 16.96 -1.42 14.95
N TYR B 186 17.46 -1.95 16.05
CA TYR B 186 16.67 -2.85 16.89
C TYR B 186 16.62 -2.33 18.32
N GLY B 187 15.55 -2.65 19.03
CA GLY B 187 15.38 -2.20 20.40
C GLY B 187 15.47 -0.69 20.54
N ASN B 188 14.64 0.02 19.78
CA ASN B 188 14.55 1.48 19.79
C ASN B 188 15.81 2.20 19.31
N ASN B 189 16.95 1.95 19.94
CA ASN B 189 18.15 2.72 19.65
C ASN B 189 19.42 1.91 19.50
N GLN B 190 19.30 0.58 19.46
CA GLN B 190 20.48 -0.27 19.32
C GLN B 190 20.76 -0.58 17.85
N ARG B 191 22.03 -0.84 17.55
CA ARG B 191 22.49 -0.96 16.17
C ARG B 191 23.31 -2.24 15.96
N PRO B 192 22.89 -3.05 14.97
CA PRO B 192 23.61 -4.29 14.64
C PRO B 192 25.01 -4.02 14.09
N SER B 193 25.94 -4.91 14.37
CA SER B 193 27.30 -4.77 13.85
C SER B 193 27.30 -4.85 12.33
N GLY B 194 28.01 -3.93 11.69
CA GLY B 194 28.01 -3.85 10.24
C GLY B 194 27.32 -2.57 9.79
N VAL B 195 26.27 -2.19 10.52
CA VAL B 195 25.57 -0.94 10.25
C VAL B 195 26.38 0.24 10.78
N PRO B 196 26.76 1.17 9.90
CA PRO B 196 27.55 2.33 10.27
C PRO B 196 26.84 3.21 11.29
N ASP B 197 27.61 3.91 12.12
CA ASP B 197 27.04 4.71 13.21
C ASP B 197 26.41 6.02 12.73
N ARG B 198 26.27 6.17 11.42
CA ARG B 198 25.56 7.30 10.85
C ARG B 198 24.06 7.15 11.12
N PHE B 199 23.63 5.91 11.31
CA PHE B 199 22.23 5.62 11.59
C PHE B 199 21.98 5.52 13.09
N SER B 200 21.04 6.32 13.59
CA SER B 200 20.67 6.29 15.00
C SER B 200 19.16 6.27 15.16
N GLY B 201 18.69 5.72 16.27
CA GLY B 201 17.27 5.65 16.55
C GLY B 201 16.93 6.26 17.90
N SER B 202 15.68 6.71 18.03
CA SER B 202 15.22 7.29 19.28
C SER B 202 13.73 7.03 19.48
N LYS B 203 13.31 7.02 20.74
CA LYS B 203 11.90 6.79 21.07
C LYS B 203 11.52 7.56 22.33
N SER B 204 10.40 8.27 22.25
CA SER B 204 9.88 9.02 23.39
C SER B 204 8.36 9.10 23.33
N GLY B 205 7.70 8.48 24.30
CA GLY B 205 6.26 8.44 24.34
C GLY B 205 5.69 7.51 23.28
N THR B 206 4.89 8.05 22.37
CA THR B 206 4.29 7.26 21.31
C THR B 206 4.88 7.62 19.95
N SER B 207 6.10 8.11 19.94
CA SER B 207 6.77 8.50 18.70
C SER B 207 8.19 7.98 18.63
N ALA B 208 8.71 7.85 17.41
CA ALA B 208 10.06 7.36 17.19
C ALA B 208 10.75 8.14 16.07
N SER B 209 12.07 8.05 16.02
CA SER B 209 12.84 8.77 15.01
C SER B 209 14.03 7.96 14.50
N LEU B 210 14.27 8.04 13.19
CA LEU B 210 15.45 7.44 12.57
C LEU B 210 16.32 8.54 11.96
N ALA B 211 17.53 8.70 12.49
CA ALA B 211 18.40 9.78 12.05
C ALA B 211 19.56 9.28 11.21
N ILE B 212 19.81 9.96 10.10
CA ILE B 212 20.93 9.63 9.22
C ILE B 212 21.86 10.82 9.09
N THR B 213 23.04 10.73 9.71
CA THR B 213 24.03 11.80 9.63
C THR B 213 24.97 11.57 8.46
N GLY B 214 25.46 12.65 7.86
CA GLY B 214 26.31 12.55 6.70
C GLY B 214 25.60 11.87 5.55
N LEU B 215 24.46 12.44 5.16
CA LEU B 215 23.60 11.85 4.14
C LEU B 215 24.32 11.66 2.81
N GLN B 216 24.22 10.46 2.26
CA GLN B 216 24.85 10.11 1.00
C GLN B 216 23.82 9.66 -0.03
N ALA B 217 24.23 9.59 -1.29
CA ALA B 217 23.37 9.08 -2.35
C ALA B 217 23.09 7.60 -2.14
N GLU B 218 23.96 6.94 -1.37
CA GLU B 218 23.79 5.54 -1.00
C GLU B 218 22.53 5.35 -0.16
N ASP B 219 22.13 6.39 0.55
CA ASP B 219 21.04 6.30 1.51
C ASP B 219 19.66 6.45 0.85
N GLU B 220 19.64 6.61 -0.46
CA GLU B 220 18.39 6.68 -1.20
C GLU B 220 17.68 5.32 -1.19
N ALA B 221 16.65 5.20 -0.36
CA ALA B 221 15.89 3.97 -0.24
C ALA B 221 14.57 4.21 0.49
N ASP B 222 13.83 3.14 0.71
CA ASP B 222 12.59 3.21 1.48
C ASP B 222 12.85 2.78 2.92
N TYR B 223 12.40 3.61 3.87
CA TYR B 223 12.64 3.33 5.27
C TYR B 223 11.35 3.01 6.02
N TYR B 224 11.35 1.90 6.75
CA TYR B 224 10.16 1.42 7.44
C TYR B 224 10.36 1.39 8.95
N CYS B 225 9.35 1.86 9.68
CA CYS B 225 9.32 1.72 11.12
C CYS B 225 8.43 0.54 11.51
N GLN B 226 8.86 -0.23 12.51
CA GLN B 226 8.14 -1.42 12.90
C GLN B 226 8.02 -1.54 14.41
N SER B 227 6.85 -1.98 14.87
CA SER B 227 6.61 -2.22 16.30
C SER B 227 5.59 -3.33 16.49
N TYR B 228 5.09 -3.48 17.71
CA TYR B 228 4.08 -4.47 18.01
C TYR B 228 2.86 -3.81 18.65
N ASP B 229 1.66 -4.23 18.24
CA ASP B 229 0.44 -3.68 18.80
C ASP B 229 -0.30 -4.76 19.59
N SER B 230 -0.60 -4.45 20.85
CA SER B 230 -1.27 -5.39 21.74
C SER B 230 -2.76 -5.53 21.41
N SER B 231 -3.35 -4.46 20.89
CA SER B 231 -4.76 -4.47 20.53
C SER B 231 -4.97 -5.27 19.23
N LEU B 232 -3.95 -5.28 18.38
CA LEU B 232 -4.01 -6.01 17.12
C LEU B 232 -3.42 -7.41 17.26
N SER B 233 -2.68 -7.62 18.35
CA SER B 233 -2.01 -8.90 18.62
C SER B 233 -1.14 -9.33 17.45
N GLY B 234 -0.30 -8.42 16.97
CA GLY B 234 0.58 -8.73 15.86
C GLY B 234 1.59 -7.63 15.56
N VAL B 235 2.52 -7.94 14.66
CA VAL B 235 3.53 -6.98 14.23
C VAL B 235 2.91 -5.90 13.34
N ILE B 236 3.20 -4.64 13.64
CA ILE B 236 2.66 -3.54 12.88
C ILE B 236 3.76 -2.74 12.18
N PHE B 237 3.56 -2.45 10.90
CA PHE B 237 4.52 -1.68 10.12
C PHE B 237 4.02 -0.27 9.82
N GLY B 238 4.96 0.62 9.49
CA GLY B 238 4.60 1.96 9.06
C GLY B 238 4.41 2.00 7.56
N GLY B 239 3.89 3.13 7.07
CA GLY B 239 3.62 3.28 5.65
C GLY B 239 4.89 3.29 4.80
N GLY B 240 6.01 3.61 5.43
CA GLY B 240 7.28 3.66 4.73
C GLY B 240 7.60 5.04 4.19
N THR B 241 8.86 5.44 4.29
CA THR B 241 9.28 6.76 3.84
C THR B 241 10.33 6.65 2.74
N LYS B 242 10.05 7.27 1.59
CA LYS B 242 10.98 7.30 0.48
C LYS B 242 11.94 8.48 0.62
N LEU B 243 13.22 8.18 0.86
CA LEU B 243 14.23 9.21 1.05
C LEU B 243 14.92 9.57 -0.26
N THR B 244 14.81 10.83 -0.66
CA THR B 244 15.42 11.32 -1.88
C THR B 244 16.59 12.25 -1.58
N VAL B 245 17.75 11.95 -2.14
CA VAL B 245 18.92 12.80 -1.96
C VAL B 245 19.01 13.80 -3.12
N LEU B 246 18.92 15.09 -2.78
CA LEU B 246 18.88 16.15 -3.77
C LEU B 246 20.26 16.42 -4.36
N ASP C 32 6.06 -7.49 21.61
CA ASP C 32 5.95 -8.81 21.02
C ASP C 32 6.23 -9.89 22.07
N PRO C 33 5.17 -10.47 22.64
CA PRO C 33 5.24 -11.48 23.72
C PRO C 33 5.79 -12.83 23.26
N ALA C 34 5.98 -13.01 21.94
CA ALA C 34 6.46 -14.28 21.40
C ALA C 34 7.87 -14.59 21.89
N PHE C 35 8.61 -13.55 22.23
CA PHE C 35 9.96 -13.71 22.75
C PHE C 35 10.00 -13.39 24.23
N GLY C 36 11.20 -13.40 24.79
CA GLY C 36 11.44 -12.82 26.09
C GLY C 36 11.87 -11.38 25.86
N ALA C 37 11.60 -10.90 24.65
CA ALA C 37 12.03 -9.57 24.23
C ALA C 37 10.86 -8.73 23.73
N ASN C 38 10.35 -7.87 24.60
CA ASN C 38 9.32 -6.91 24.24
C ASN C 38 9.36 -5.71 25.17
N SER C 39 8.59 -4.68 24.82
CA SER C 39 8.53 -3.44 25.59
C SER C 39 9.91 -2.80 25.75
NA NA D . 10.83 -7.03 29.41
#